data_6KDI
#
_entry.id   6KDI
#
_cell.length_a   84.005
_cell.length_b   102.903
_cell.length_c   53.398
_cell.angle_alpha   90.000
_cell.angle_beta   90.000
_cell.angle_gamma   90.000
#
_symmetry.space_group_name_H-M   'P 21 21 21'
#
loop_
_entity.id
_entity.type
_entity.pdbx_description
1 polymer 'Anti-(6-4) photoproduct antibody 64M-5 Fab (light chain)'
2 polymer 'Anti-(6-4) photoproduct antibody 64M-5 Fab (heavy chain)'
3 polymer "DNA (5'-D(*(64T)P*(5PY))-3')"
4 water water
#
loop_
_entity_poly.entity_id
_entity_poly.type
_entity_poly.pdbx_seq_one_letter_code
_entity_poly.pdbx_strand_id
1 'polypeptide(L)'
;DVLMTQTPLSLPVSLGDQASISCRSSQNIVHS(IAS)GYTYLEWYLQKPGQSPKLLIYTVSNRFSGVPDRFSGSGSGTDF
TLKISRVEAEDLGVYYCFRGSHVPTFGGGTKLEIKRADAAPTVSIFPPSSEQLTSGGASVVCFLNNFYPKDINVKWKIDG
SERQNGVLNSWTDQDSKDSTYSMSSTLTLTKDEYERHNSYTCEATHKTSTSPIVKSFNRNEC
;
L
2 'polypeptide(L)'
;EVQLQQSGTVLARPGASVKMSCKASGYTFTNYWMHWIKQRPGQGLEWIGTIYPGNSDTTYSQKFKGKAKLTAVTSTSTAY
MELSSLTNEDSAVYYCSRRNYGSSYAMDYWGQGTSVTVSSAKTTPPSVYPLAPGSAAQTNSMVTLGCLVKGYFPEPVTVT
WNSGSLSSGVHTFPAVLQSDLYTLSSSVTVPSSTWPSETVTCNVAHPASSTKVDKKIVPRD
;
H
3 'polydeoxyribonucleotide' (64T)(5PY) A
#
# COMPACT_ATOMS: atom_id res chain seq x y z
N VAL A 2 3.41 -23.64 -18.63
CA VAL A 2 2.09 -22.96 -18.54
C VAL A 2 2.15 -21.71 -17.66
N LEU A 3 2.08 -20.55 -18.29
CA LEU A 3 2.11 -19.28 -17.59
C LEU A 3 0.98 -18.40 -18.10
N MET A 4 0.63 -17.36 -17.36
CA MET A 4 -0.44 -16.47 -17.77
C MET A 4 0.13 -15.12 -18.20
N THR A 5 -0.15 -14.73 -19.44
CA THR A 5 0.35 -13.47 -19.97
C THR A 5 -0.75 -12.43 -19.98
N GLN A 6 -0.57 -11.38 -19.18
CA GLN A 6 -1.56 -10.30 -19.10
C GLN A 6 -1.15 -9.15 -20.00
N THR A 7 -2.14 -8.37 -20.42
CA THR A 7 -1.89 -7.22 -21.28
C THR A 7 -3.01 -6.21 -21.10
N PRO A 8 -2.66 -4.94 -20.87
CA PRO A 8 -1.30 -4.43 -20.77
C PRO A 8 -0.79 -4.38 -19.32
N LEU A 9 0.46 -3.96 -19.14
CA LEU A 9 1.05 -3.87 -17.81
C LEU A 9 0.43 -2.66 -17.09
N SER A 10 0.23 -1.58 -17.85
CA SER A 10 -0.38 -0.36 -17.33
C SER A 10 -1.51 0.01 -18.29
N LEU A 11 -2.64 0.48 -17.74
CA LEU A 11 -3.77 0.84 -18.58
C LEU A 11 -4.47 2.15 -18.22
N PRO A 12 -4.07 3.25 -18.87
CA PRO A 12 -4.68 4.55 -18.59
C PRO A 12 -6.08 4.62 -19.23
N VAL A 13 -7.07 5.11 -18.48
CA VAL A 13 -8.43 5.21 -19.00
C VAL A 13 -9.21 6.34 -18.32
N SER A 14 -9.88 7.15 -19.14
CA SER A 14 -10.67 8.27 -18.63
C SER A 14 -11.94 7.78 -17.97
N LEU A 15 -12.66 8.70 -17.32
CA LEU A 15 -13.92 8.37 -16.65
C LEU A 15 -15.02 8.21 -17.69
N GLY A 16 -15.85 7.18 -17.53
CA GLY A 16 -16.94 6.95 -18.46
C GLY A 16 -16.51 6.11 -19.65
N ASP A 17 -15.21 5.87 -19.75
CA ASP A 17 -14.64 5.06 -20.83
C ASP A 17 -14.65 3.58 -20.48
N GLN A 18 -14.53 2.73 -21.49
CA GLN A 18 -14.50 1.30 -21.24
C GLN A 18 -13.05 0.84 -21.21
N ALA A 19 -12.78 -0.21 -20.46
CA ALA A 19 -11.43 -0.74 -20.35
C ALA A 19 -11.46 -2.26 -20.56
N SER A 20 -10.46 -2.77 -21.26
CA SER A 20 -10.39 -4.20 -21.53
C SER A 20 -9.00 -4.75 -21.22
N ILE A 21 -8.95 -5.77 -20.36
CA ILE A 21 -7.69 -6.40 -19.98
C ILE A 21 -7.65 -7.82 -20.53
N SER A 22 -6.52 -8.19 -21.14
CA SER A 22 -6.37 -9.52 -21.72
C SER A 22 -5.48 -10.42 -20.88
N CYS A 23 -5.73 -11.73 -20.98
CA CYS A 23 -4.99 -12.75 -20.26
C CYS A 23 -4.91 -13.97 -21.17
N ARG A 24 -3.70 -14.44 -21.45
CA ARG A 24 -3.52 -15.59 -22.32
C ARG A 24 -2.78 -16.75 -21.64
N SER A 25 -3.44 -17.90 -21.58
CA SER A 25 -2.85 -19.10 -20.99
C SER A 25 -2.03 -19.80 -22.08
N SER A 26 -0.71 -19.83 -21.89
CA SER A 26 0.20 -20.45 -22.86
C SER A 26 -0.23 -21.83 -23.36
N GLN A 27 -1.11 -22.49 -22.62
CA GLN A 27 -1.58 -23.81 -23.01
C GLN A 27 -3.03 -24.00 -22.57
N ASN A 28 -3.85 -24.59 -23.45
CA ASN A 28 -5.26 -24.81 -23.13
C ASN A 28 -5.53 -25.23 -21.70
N ILE A 29 -6.56 -24.62 -21.12
CA ILE A 29 -7.02 -24.90 -19.77
C ILE A 29 -8.51 -24.69 -19.82
N VAL A 30 -9.08 -24.93 -21.00
CA VAL A 30 -10.50 -24.72 -21.24
C VAL A 30 -11.30 -25.99 -21.53
N HIS A 31 -12.17 -26.37 -20.58
CA HIS A 31 -13.02 -27.55 -20.74
C HIS A 31 -14.48 -27.06 -20.78
N SER A 32 -14.84 -26.36 -21.84
CA SER A 32 -16.20 -25.85 -21.96
C SER A 32 -17.18 -26.98 -22.26
N GLY A 34 -18.33 -28.40 -19.70
CA GLY A 34 -17.60 -28.81 -18.47
C GLY A 34 -17.43 -27.69 -17.45
N TYR A 35 -16.21 -27.15 -17.37
CA TYR A 35 -15.90 -26.07 -16.44
C TYR A 35 -14.49 -25.51 -16.70
N THR A 36 -14.37 -24.19 -16.73
CA THR A 36 -13.07 -23.55 -16.93
C THR A 36 -12.81 -22.66 -15.71
N TYR A 37 -11.73 -22.95 -14.99
CA TYR A 37 -11.40 -22.22 -13.79
C TYR A 37 -10.44 -21.05 -13.98
N LEU A 38 -10.98 -19.96 -14.51
CA LEU A 38 -10.22 -18.74 -14.74
C LEU A 38 -10.92 -17.65 -13.95
N GLU A 39 -10.18 -16.97 -13.08
CA GLU A 39 -10.78 -15.91 -12.26
C GLU A 39 -10.03 -14.60 -12.35
N TRP A 40 -10.70 -13.53 -11.94
CA TRP A 40 -10.11 -12.20 -11.92
C TRP A 40 -10.16 -11.65 -10.50
N TYR A 41 -9.02 -11.16 -10.02
CA TYR A 41 -8.92 -10.62 -8.67
C TYR A 41 -8.41 -9.19 -8.72
N LEU A 42 -8.88 -8.38 -7.77
CA LEU A 42 -8.47 -6.99 -7.67
C LEU A 42 -7.83 -6.70 -6.33
N GLN A 43 -6.79 -5.88 -6.34
CA GLN A 43 -6.11 -5.51 -5.11
C GLN A 43 -5.83 -4.01 -5.10
N LYS A 44 -6.56 -3.28 -4.26
CA LYS A 44 -6.37 -1.85 -4.12
C LYS A 44 -5.28 -1.61 -3.09
N PRO A 45 -4.56 -0.49 -3.21
CA PRO A 45 -3.49 -0.18 -2.25
C PRO A 45 -4.00 -0.13 -0.81
N GLY A 46 -3.44 -0.97 0.05
CA GLY A 46 -3.85 -0.99 1.43
C GLY A 46 -4.87 -2.06 1.77
N GLN A 47 -5.36 -2.77 0.76
CA GLN A 47 -6.35 -3.81 0.98
C GLN A 47 -5.88 -5.18 0.51
N SER A 48 -6.59 -6.21 0.95
CA SER A 48 -6.27 -7.57 0.55
C SER A 48 -6.89 -7.79 -0.82
N PRO A 49 -6.39 -8.78 -1.57
CA PRO A 49 -6.97 -9.02 -2.89
C PRO A 49 -8.44 -9.42 -2.71
N LYS A 50 -9.26 -9.24 -3.73
CA LYS A 50 -10.67 -9.59 -3.62
C LYS A 50 -11.25 -10.17 -4.92
N LEU A 51 -12.14 -11.14 -4.76
CA LEU A 51 -12.78 -11.81 -5.89
C LEU A 51 -13.75 -10.94 -6.66
N LEU A 52 -13.60 -10.94 -7.97
CA LEU A 52 -14.48 -10.17 -8.86
C LEU A 52 -15.30 -11.11 -9.74
N ILE A 53 -14.60 -11.99 -10.45
CA ILE A 53 -15.25 -12.92 -11.35
C ILE A 53 -14.60 -14.30 -11.32
N TYR A 54 -15.43 -15.34 -11.26
CA TYR A 54 -14.92 -16.71 -11.26
C TYR A 54 -15.47 -17.48 -12.47
N THR A 55 -14.84 -18.61 -12.77
CA THR A 55 -15.23 -19.46 -13.90
C THR A 55 -15.60 -18.66 -15.15
N VAL A 56 -14.64 -17.86 -15.62
CA VAL A 56 -14.77 -17.05 -16.82
C VAL A 56 -15.76 -15.88 -16.82
N SER A 57 -17.03 -16.15 -16.54
CA SER A 57 -18.03 -15.08 -16.58
C SER A 57 -18.94 -14.88 -15.38
N ASN A 58 -18.84 -15.75 -14.37
CA ASN A 58 -19.70 -15.61 -13.20
C ASN A 58 -19.25 -14.47 -12.27
N ARG A 59 -20.18 -13.56 -12.00
CA ARG A 59 -19.91 -12.39 -11.14
C ARG A 59 -20.13 -12.72 -9.66
N PHE A 60 -19.19 -12.28 -8.82
CA PHE A 60 -19.27 -12.51 -7.39
C PHE A 60 -20.18 -11.49 -6.71
N SER A 61 -20.78 -11.89 -5.59
CA SER A 61 -21.69 -11.03 -4.84
C SER A 61 -21.10 -9.65 -4.55
N GLY A 62 -21.97 -8.65 -4.46
CA GLY A 62 -21.53 -7.30 -4.17
C GLY A 62 -20.58 -6.66 -5.16
N VAL A 63 -20.63 -7.13 -6.41
CA VAL A 63 -19.76 -6.58 -7.44
C VAL A 63 -20.57 -5.82 -8.49
N PRO A 64 -20.18 -4.57 -8.80
CA PRO A 64 -20.90 -3.78 -9.79
C PRO A 64 -21.12 -4.57 -11.08
N ASP A 65 -22.20 -4.29 -11.78
CA ASP A 65 -22.48 -4.99 -13.03
C ASP A 65 -21.65 -4.42 -14.16
N ARG A 66 -20.80 -3.44 -13.84
CA ARG A 66 -19.94 -2.82 -14.85
C ARG A 66 -18.78 -3.74 -15.19
N PHE A 67 -18.61 -4.79 -14.39
CA PHE A 67 -17.54 -5.76 -14.60
C PHE A 67 -18.08 -7.03 -15.24
N SER A 68 -17.34 -7.59 -16.18
CA SER A 68 -17.75 -8.81 -16.85
C SER A 68 -16.57 -9.56 -17.46
N GLY A 69 -16.66 -10.88 -17.48
CA GLY A 69 -15.60 -11.70 -18.03
C GLY A 69 -16.09 -12.62 -19.13
N SER A 70 -15.19 -12.94 -20.06
CA SER A 70 -15.52 -13.81 -21.18
C SER A 70 -14.24 -14.42 -21.73
N GLY A 71 -14.35 -15.25 -22.77
CA GLY A 71 -13.17 -15.85 -23.35
C GLY A 71 -13.33 -17.29 -23.79
N SER A 72 -12.44 -17.74 -24.67
CA SER A 72 -12.49 -19.10 -25.19
C SER A 72 -11.12 -19.61 -25.64
N GLY A 73 -10.79 -20.82 -25.20
CA GLY A 73 -9.52 -21.43 -25.58
C GLY A 73 -8.30 -21.06 -24.76
N THR A 74 -7.61 -20.01 -25.18
CA THR A 74 -6.40 -19.57 -24.50
C THR A 74 -6.42 -18.08 -24.15
N ASP A 75 -7.45 -17.37 -24.61
CA ASP A 75 -7.55 -15.94 -24.35
C ASP A 75 -8.80 -15.58 -23.57
N PHE A 76 -8.61 -14.92 -22.44
CA PHE A 76 -9.71 -14.50 -21.58
C PHE A 76 -9.69 -12.97 -21.43
N THR A 77 -10.86 -12.37 -21.33
CA THR A 77 -10.95 -10.92 -21.22
C THR A 77 -11.83 -10.36 -20.11
N LEU A 78 -11.34 -9.29 -19.49
CA LEU A 78 -12.06 -8.61 -18.41
C LEU A 78 -12.45 -7.24 -18.95
N LYS A 79 -13.75 -6.91 -18.89
CA LYS A 79 -14.21 -5.62 -19.38
C LYS A 79 -14.80 -4.73 -18.30
N ILE A 80 -14.44 -3.45 -18.34
CA ILE A 80 -14.93 -2.47 -17.38
C ILE A 80 -15.67 -1.38 -18.15
N SER A 81 -16.97 -1.53 -18.32
CA SER A 81 -17.76 -0.54 -19.03
C SER A 81 -17.93 0.69 -18.14
N ARG A 82 -17.59 1.86 -18.68
CA ARG A 82 -17.72 3.11 -17.92
C ARG A 82 -16.90 3.05 -16.64
N VAL A 83 -15.62 3.43 -16.73
CA VAL A 83 -14.73 3.41 -15.58
C VAL A 83 -15.08 4.56 -14.64
N GLU A 84 -14.88 4.34 -13.35
CA GLU A 84 -15.17 5.37 -12.35
C GLU A 84 -14.00 5.51 -11.39
N ALA A 85 -13.91 6.67 -10.74
CA ALA A 85 -12.83 6.96 -9.80
C ALA A 85 -12.47 5.82 -8.85
N GLU A 86 -13.45 5.06 -8.40
CA GLU A 86 -13.17 3.98 -7.45
C GLU A 86 -12.68 2.67 -8.06
N ASP A 87 -12.48 2.63 -9.38
CA ASP A 87 -12.04 1.40 -10.03
C ASP A 87 -10.53 1.23 -10.17
N LEU A 88 -9.75 2.19 -9.66
CA LEU A 88 -8.30 2.09 -9.78
C LEU A 88 -7.72 1.04 -8.85
N GLY A 89 -6.66 0.37 -9.32
CA GLY A 89 -6.00 -0.67 -8.56
C GLY A 89 -5.31 -1.62 -9.52
N VAL A 90 -4.90 -2.79 -9.04
CA VAL A 90 -4.23 -3.76 -9.90
C VAL A 90 -5.10 -5.00 -10.11
N TYR A 91 -5.35 -5.33 -11.37
CA TYR A 91 -6.18 -6.49 -11.70
C TYR A 91 -5.35 -7.71 -12.09
N TYR A 92 -5.69 -8.87 -11.53
CA TYR A 92 -4.95 -10.09 -11.83
C TYR A 92 -5.84 -11.26 -12.27
N CYS A 93 -5.41 -11.97 -13.33
CA CYS A 93 -6.16 -13.14 -13.76
C CYS A 93 -5.46 -14.31 -13.07
N PHE A 94 -6.23 -15.32 -12.70
CA PHE A 94 -5.68 -16.46 -11.98
C PHE A 94 -6.28 -17.76 -12.49
N ARG A 95 -5.43 -18.76 -12.71
CA ARG A 95 -5.88 -20.07 -13.15
C ARG A 95 -5.99 -20.94 -11.90
N GLY A 96 -7.18 -21.47 -11.64
CA GLY A 96 -7.40 -22.28 -10.47
C GLY A 96 -7.09 -23.76 -10.63
N SER A 97 -7.05 -24.24 -11.87
CA SER A 97 -6.77 -25.64 -12.14
C SER A 97 -5.27 -25.95 -12.13
N HIS A 98 -4.90 -27.04 -12.78
CA HIS A 98 -3.51 -27.50 -12.85
C HIS A 98 -2.47 -26.40 -12.68
N VAL A 99 -1.77 -26.44 -11.56
CA VAL A 99 -0.74 -25.45 -11.24
C VAL A 99 -1.34 -24.05 -11.23
N PRO A 100 -2.03 -23.69 -10.14
CA PRO A 100 -2.63 -22.35 -10.04
C PRO A 100 -1.57 -21.30 -10.34
N THR A 101 -1.88 -20.36 -11.22
CA THR A 101 -0.91 -19.33 -11.58
C THR A 101 -1.51 -17.94 -11.79
N PHE A 102 -0.81 -16.94 -11.28
CA PHE A 102 -1.22 -15.54 -11.39
C PHE A 102 -0.62 -14.90 -12.63
N GLY A 103 -1.41 -14.04 -13.28
CA GLY A 103 -0.90 -13.33 -14.44
C GLY A 103 -0.03 -12.22 -13.88
N GLY A 104 0.69 -11.50 -14.74
CA GLY A 104 1.54 -10.42 -14.28
C GLY A 104 0.77 -9.27 -13.68
N GLY A 105 -0.51 -9.16 -14.01
CA GLY A 105 -1.33 -8.08 -13.49
C GLY A 105 -1.38 -6.87 -14.40
N THR A 106 -2.37 -6.03 -14.18
CA THR A 106 -2.56 -4.80 -14.95
C THR A 106 -2.92 -3.67 -14.00
N LYS A 107 -2.20 -2.55 -14.11
CA LYS A 107 -2.45 -1.41 -13.25
C LYS A 107 -3.38 -0.40 -13.93
N LEU A 108 -4.61 -0.34 -13.45
CA LEU A 108 -5.61 0.56 -14.00
C LEU A 108 -5.46 1.96 -13.40
N GLU A 109 -5.24 2.95 -14.26
CA GLU A 109 -5.10 4.33 -13.80
C GLU A 109 -6.05 5.27 -14.54
N ILE A 110 -6.61 6.24 -13.82
CA ILE A 110 -7.58 7.17 -14.38
C ILE A 110 -7.02 8.44 -15.02
N LYS A 111 -7.54 8.75 -16.21
CA LYS A 111 -7.16 9.95 -16.93
C LYS A 111 -8.16 11.04 -16.56
N ARG A 112 -7.67 12.21 -16.18
CA ARG A 112 -8.56 13.31 -15.83
C ARG A 112 -7.96 14.67 -16.14
N ALA A 113 -8.71 15.71 -15.79
CA ALA A 113 -8.27 17.08 -16.03
C ALA A 113 -7.07 17.45 -15.17
N ASP A 114 -6.25 18.36 -15.68
CA ASP A 114 -5.07 18.82 -14.97
C ASP A 114 -5.47 19.59 -13.71
N ALA A 115 -4.60 19.58 -12.71
CA ALA A 115 -4.86 20.27 -11.45
C ALA A 115 -3.56 20.67 -10.77
N ALA A 116 -3.46 21.92 -10.38
CA ALA A 116 -2.27 22.43 -9.71
C ALA A 116 -2.21 21.92 -8.27
N PRO A 117 -1.00 21.67 -7.77
CA PRO A 117 -0.84 21.17 -6.40
C PRO A 117 -1.06 22.23 -5.32
N THR A 118 -1.49 21.78 -4.15
CA THR A 118 -1.69 22.66 -3.01
C THR A 118 -0.41 22.46 -2.22
N VAL A 119 0.40 23.50 -2.10
CA VAL A 119 1.67 23.39 -1.39
C VAL A 119 1.68 24.01 0.00
N SER A 120 2.15 23.23 0.97
CA SER A 120 2.25 23.66 2.36
C SER A 120 3.65 23.30 2.84
N ILE A 121 4.29 24.21 3.56
CA ILE A 121 5.63 23.96 4.07
C ILE A 121 5.64 24.08 5.60
N PHE A 122 6.46 23.25 6.24
CA PHE A 122 6.55 23.27 7.70
C PHE A 122 7.98 23.21 8.21
N PRO A 123 8.30 24.07 9.20
CA PRO A 123 9.65 24.13 9.79
C PRO A 123 9.87 22.95 10.73
N PRO A 124 11.13 22.73 11.16
CA PRO A 124 11.41 21.61 12.06
C PRO A 124 10.65 21.78 13.37
N SER A 125 10.24 20.67 13.97
CA SER A 125 9.53 20.73 15.24
C SER A 125 10.58 20.97 16.33
N SER A 126 10.14 21.48 17.47
CA SER A 126 11.05 21.76 18.57
C SER A 126 11.63 20.46 19.14
N GLU A 127 10.80 19.43 19.21
CA GLU A 127 11.22 18.13 19.73
C GLU A 127 12.35 17.50 18.91
N GLN A 128 12.29 17.64 17.59
CA GLN A 128 13.34 17.08 16.74
C GLN A 128 14.61 17.91 16.91
N LEU A 129 14.45 19.22 17.04
CA LEU A 129 15.58 20.12 17.22
C LEU A 129 16.39 19.73 18.46
N THR A 130 15.68 19.35 19.52
CA THR A 130 16.32 18.94 20.76
C THR A 130 17.23 17.74 20.58
N SER A 131 16.82 16.81 19.72
CA SER A 131 17.61 15.61 19.46
C SER A 131 18.80 15.86 18.53
N GLY A 132 18.97 17.11 18.11
CA GLY A 132 20.08 17.44 17.23
C GLY A 132 19.81 17.37 15.75
N GLY A 133 18.54 17.33 15.36
CA GLY A 133 18.21 17.25 13.94
C GLY A 133 17.28 18.37 13.51
N ALA A 134 17.11 18.51 12.19
CA ALA A 134 16.24 19.55 11.64
C ALA A 134 15.75 19.14 10.26
N SER A 135 14.47 18.79 10.17
CA SER A 135 13.87 18.39 8.90
C SER A 135 12.79 19.36 8.46
N VAL A 136 12.84 19.73 7.19
CA VAL A 136 11.85 20.65 6.63
C VAL A 136 10.90 19.83 5.76
N VAL A 137 9.61 19.87 6.08
CA VAL A 137 8.61 19.13 5.33
C VAL A 137 7.77 20.00 4.39
N CYS A 138 7.45 19.46 3.22
CA CYS A 138 6.66 20.18 2.24
C CYS A 138 5.65 19.26 1.53
N PHE A 139 4.38 19.62 1.61
CA PHE A 139 3.32 18.83 0.98
C PHE A 139 2.82 19.46 -0.31
N LEU A 140 2.75 18.65 -1.36
CA LEU A 140 2.24 19.07 -2.66
C LEU A 140 1.09 18.10 -2.91
N ASN A 141 -0.12 18.49 -2.50
CA ASN A 141 -1.28 17.61 -2.62
C ASN A 141 -2.29 17.87 -3.73
N ASN A 142 -3.02 16.81 -4.05
CA ASN A 142 -4.08 16.80 -5.06
C ASN A 142 -3.80 17.53 -6.37
N PHE A 143 -2.83 17.04 -7.13
CA PHE A 143 -2.46 17.64 -8.40
C PHE A 143 -2.53 16.59 -9.52
N TYR A 144 -2.42 17.05 -10.77
CA TYR A 144 -2.47 16.15 -11.92
C TYR A 144 -1.95 16.88 -13.17
N PRO A 145 -1.16 16.19 -14.01
CA PRO A 145 -0.72 14.79 -13.95
C PRO A 145 0.25 14.47 -12.82
N LYS A 146 0.64 13.20 -12.71
CA LYS A 146 1.56 12.77 -11.65
C LYS A 146 2.97 13.34 -11.75
N ASP A 147 3.45 13.56 -12.97
CA ASP A 147 4.79 14.11 -13.16
C ASP A 147 4.92 15.47 -12.48
N ILE A 148 5.95 15.60 -11.63
CA ILE A 148 6.18 16.84 -10.92
C ILE A 148 7.60 16.85 -10.34
N ASN A 149 8.12 18.05 -10.06
CA ASN A 149 9.46 18.21 -9.52
C ASN A 149 9.53 19.20 -8.36
N VAL A 150 10.33 18.86 -7.34
CA VAL A 150 10.51 19.71 -6.19
C VAL A 150 11.95 20.19 -6.08
N LYS A 151 12.11 21.51 -5.96
CA LYS A 151 13.43 22.12 -5.85
C LYS A 151 13.54 22.83 -4.50
N TRP A 152 14.54 22.47 -3.71
CA TRP A 152 14.73 23.09 -2.41
C TRP A 152 15.69 24.28 -2.47
N LYS A 153 15.43 25.29 -1.63
CA LYS A 153 16.26 26.49 -1.59
C LYS A 153 16.64 26.87 -0.17
N ILE A 154 17.93 27.03 0.08
CA ILE A 154 18.43 27.43 1.38
C ILE A 154 19.07 28.80 1.16
N ASP A 155 18.39 29.84 1.63
CA ASP A 155 18.86 31.21 1.47
C ASP A 155 19.07 31.56 0.00
N GLY A 156 18.20 31.04 -0.86
CA GLY A 156 18.28 31.34 -2.28
C GLY A 156 19.01 30.32 -3.15
N SER A 157 20.08 29.74 -2.63
CA SER A 157 20.85 28.75 -3.39
C SER A 157 20.19 27.37 -3.35
N GLU A 158 20.17 26.71 -4.50
CA GLU A 158 19.57 25.38 -4.59
C GLU A 158 20.28 24.33 -3.76
N ARG A 159 19.51 23.35 -3.29
CA ARG A 159 20.02 22.26 -2.47
C ARG A 159 19.60 20.94 -3.14
N GLN A 160 20.47 19.95 -3.14
CA GLN A 160 20.14 18.68 -3.77
C GLN A 160 20.47 17.43 -2.94
N ASN A 161 21.42 17.55 -2.02
CA ASN A 161 21.79 16.42 -1.18
C ASN A 161 21.07 16.41 0.16
N GLY A 162 20.42 15.29 0.46
CA GLY A 162 19.70 15.17 1.72
C GLY A 162 18.20 15.32 1.62
N VAL A 163 17.65 15.09 0.43
CA VAL A 163 16.21 15.22 0.21
C VAL A 163 15.58 13.81 0.15
N LEU A 164 14.36 13.70 0.63
CA LEU A 164 13.64 12.43 0.65
C LEU A 164 12.21 12.65 0.16
N ASN A 165 11.85 12.00 -0.95
CA ASN A 165 10.52 12.16 -1.53
C ASN A 165 9.69 10.88 -1.55
N SER A 166 8.37 11.05 -1.45
CA SER A 166 7.43 9.94 -1.48
C SER A 166 6.13 10.37 -2.16
N TRP A 167 5.53 9.44 -2.90
CA TRP A 167 4.29 9.72 -3.63
C TRP A 167 3.16 8.77 -3.23
N THR A 168 1.97 9.32 -3.03
CA THR A 168 0.81 8.51 -2.68
C THR A 168 0.28 7.88 -3.95
N ASP A 169 -0.52 6.81 -3.80
CA ASP A 169 -1.11 6.16 -4.96
C ASP A 169 -2.24 7.08 -5.41
N GLN A 170 -2.65 6.97 -6.67
CA GLN A 170 -3.72 7.82 -7.17
C GLN A 170 -4.92 7.80 -6.23
N ASP A 171 -5.46 8.99 -5.96
CA ASP A 171 -6.61 9.15 -5.08
C ASP A 171 -7.82 8.45 -5.71
N SER A 172 -8.54 7.66 -4.92
CA SER A 172 -9.70 6.93 -5.42
C SER A 172 -10.99 7.73 -5.42
N LYS A 173 -10.89 9.05 -5.21
CA LYS A 173 -12.07 9.90 -5.21
C LYS A 173 -11.98 11.01 -6.25
N ASP A 174 -10.86 11.72 -6.27
CA ASP A 174 -10.67 12.78 -7.26
C ASP A 174 -9.56 12.41 -8.24
N SER A 175 -9.10 11.17 -8.16
CA SER A 175 -8.07 10.65 -9.04
C SER A 175 -6.81 11.51 -9.17
N THR A 176 -6.47 12.24 -8.11
CA THR A 176 -5.29 13.09 -8.13
C THR A 176 -4.14 12.42 -7.40
N TYR A 177 -2.97 13.06 -7.44
CA TYR A 177 -1.80 12.53 -6.76
C TYR A 177 -1.30 13.59 -5.77
N SER A 178 -0.57 13.14 -4.75
CA SER A 178 -0.03 14.02 -3.74
C SER A 178 1.41 13.61 -3.47
N MET A 179 2.25 14.56 -3.07
CA MET A 179 3.64 14.26 -2.79
C MET A 179 4.18 14.95 -1.55
N SER A 180 5.14 14.28 -0.91
CA SER A 180 5.78 14.79 0.29
C SER A 180 7.30 14.83 0.08
N SER A 181 7.91 15.95 0.42
CA SER A 181 9.36 16.11 0.27
C SER A 181 9.98 16.59 1.57
N THR A 182 10.95 15.84 2.08
CA THR A 182 11.61 16.19 3.34
C THR A 182 13.10 16.48 3.19
N LEU A 183 13.50 17.71 3.51
CA LEU A 183 14.89 18.12 3.44
C LEU A 183 15.44 17.98 4.87
N THR A 184 16.33 17.01 5.06
CA THR A 184 16.90 16.78 6.39
C THR A 184 18.29 17.36 6.58
N LEU A 185 18.42 18.24 7.57
CA LEU A 185 19.69 18.89 7.89
C LEU A 185 20.03 18.66 9.36
N THR A 186 21.29 18.90 9.71
CA THR A 186 21.71 18.75 11.11
C THR A 186 21.23 20.04 11.78
N LYS A 187 21.12 20.04 13.10
CA LYS A 187 20.66 21.23 13.79
C LYS A 187 21.60 22.42 13.54
N ASP A 188 22.90 22.14 13.45
CA ASP A 188 23.87 23.21 13.21
C ASP A 188 23.65 23.81 11.83
N GLU A 189 23.58 22.95 10.82
CA GLU A 189 23.39 23.38 9.44
C GLU A 189 22.13 24.22 9.27
N TYR A 190 21.08 23.88 10.00
CA TYR A 190 19.80 24.60 9.94
C TYR A 190 19.89 25.97 10.61
N GLU A 191 20.74 26.09 11.62
CA GLU A 191 20.91 27.35 12.35
C GLU A 191 21.75 28.38 11.61
N ARG A 192 22.56 27.92 10.65
CA ARG A 192 23.41 28.83 9.89
C ARG A 192 22.71 29.54 8.74
N HIS A 193 21.41 29.28 8.58
CA HIS A 193 20.65 29.89 7.50
C HIS A 193 19.27 30.33 7.98
N ASN A 194 18.63 31.24 7.25
CA ASN A 194 17.34 31.77 7.66
C ASN A 194 16.15 31.50 6.74
N SER A 195 16.38 31.50 5.42
CA SER A 195 15.30 31.29 4.48
C SER A 195 15.26 29.89 3.88
N TYR A 196 14.09 29.27 3.90
CA TYR A 196 13.91 27.92 3.36
C TYR A 196 12.71 27.91 2.42
N THR A 197 12.96 27.64 1.15
CA THR A 197 11.90 27.63 0.15
C THR A 197 11.68 26.30 -0.53
N CYS A 198 10.40 25.95 -0.68
CA CYS A 198 9.99 24.71 -1.33
C CYS A 198 9.33 25.12 -2.65
N GLU A 199 9.98 24.79 -3.76
CA GLU A 199 9.48 25.16 -5.08
C GLU A 199 8.99 23.99 -5.93
N ALA A 200 7.81 24.14 -6.51
CA ALA A 200 7.21 23.09 -7.34
C ALA A 200 6.96 23.50 -8.78
N THR A 201 7.54 22.75 -9.71
CA THR A 201 7.37 22.99 -11.14
C THR A 201 6.45 21.91 -11.68
N HIS A 202 5.27 22.33 -12.14
CA HIS A 202 4.27 21.39 -12.65
C HIS A 202 3.71 21.88 -13.99
N LYS A 203 3.20 20.95 -14.79
CA LYS A 203 2.65 21.28 -16.10
C LYS A 203 1.55 22.34 -16.11
N THR A 204 0.92 22.57 -14.96
CA THR A 204 -0.15 23.57 -14.89
C THR A 204 0.39 24.99 -14.83
N SER A 205 1.66 25.16 -15.19
CA SER A 205 2.28 26.49 -15.17
C SER A 205 3.73 26.48 -15.64
N THR A 206 4.21 27.66 -16.01
CA THR A 206 5.58 27.85 -16.45
C THR A 206 6.23 28.63 -15.32
N SER A 207 5.40 29.03 -14.37
CA SER A 207 5.82 29.77 -13.18
C SER A 207 5.59 28.85 -11.99
N PRO A 208 6.67 28.42 -11.33
CA PRO A 208 6.58 27.53 -10.17
C PRO A 208 5.74 28.05 -9.00
N ILE A 209 5.21 27.12 -8.22
CA ILE A 209 4.41 27.44 -7.05
C ILE A 209 5.39 27.46 -5.88
N VAL A 210 5.44 28.56 -5.15
CA VAL A 210 6.38 28.67 -4.04
C VAL A 210 5.77 28.96 -2.68
N LYS A 211 6.32 28.29 -1.68
CA LYS A 211 5.92 28.44 -0.29
C LYS A 211 7.21 28.38 0.51
N SER A 212 7.42 29.36 1.39
CA SER A 212 8.64 29.39 2.19
C SER A 212 8.42 30.04 3.54
N PHE A 213 9.49 30.15 4.31
CA PHE A 213 9.43 30.75 5.64
C PHE A 213 10.83 31.12 6.10
N ASN A 214 10.91 31.93 7.15
CA ASN A 214 12.19 32.34 7.70
C ASN A 214 12.25 31.86 9.14
N ARG A 215 13.40 31.31 9.51
CA ARG A 215 13.64 30.78 10.85
C ARG A 215 13.56 31.86 11.94
N ASN A 216 13.33 33.11 11.54
CA ASN A 216 13.30 34.21 12.50
C ASN A 216 11.98 34.77 13.02
N GLU A 217 10.87 34.11 12.71
CA GLU A 217 9.56 34.57 13.15
C GLU A 217 9.46 34.77 14.67
N GLU B 1 -20.68 -15.66 9.26
CA GLU B 1 -19.58 -14.72 8.89
C GLU B 1 -18.23 -15.43 8.85
N VAL B 2 -17.65 -15.52 7.66
CA VAL B 2 -16.36 -16.18 7.50
C VAL B 2 -15.23 -15.19 7.73
N GLN B 3 -14.23 -15.61 8.51
CA GLN B 3 -13.09 -14.76 8.82
C GLN B 3 -11.78 -15.54 8.83
N LEU B 4 -10.73 -14.90 8.34
CA LEU B 4 -9.40 -15.50 8.31
C LEU B 4 -8.43 -14.52 8.94
N GLN B 5 -8.02 -14.80 10.18
CA GLN B 5 -7.09 -13.94 10.91
C GLN B 5 -5.65 -14.43 10.87
N GLN B 6 -4.76 -13.62 10.32
CA GLN B 6 -3.35 -13.98 10.22
C GLN B 6 -2.56 -13.30 11.33
N SER B 7 -1.39 -13.85 11.64
CA SER B 7 -0.53 -13.31 12.68
C SER B 7 0.17 -12.01 12.26
N GLY B 8 0.68 -11.28 13.25
CA GLY B 8 1.34 -10.01 12.99
C GLY B 8 2.69 -10.03 12.30
N THR B 9 3.25 -8.83 12.15
CA THR B 9 4.56 -8.62 11.50
C THR B 9 5.66 -9.48 12.11
N VAL B 10 6.66 -9.81 11.30
CA VAL B 10 7.78 -10.63 11.76
C VAL B 10 9.13 -10.19 11.19
N LEU B 11 10.12 -10.01 12.07
CA LEU B 11 11.46 -9.61 11.68
C LEU B 11 12.43 -10.76 11.94
N ALA B 12 12.98 -11.33 10.87
CA ALA B 12 13.93 -12.43 10.99
C ALA B 12 15.22 -12.13 10.23
N ARG B 13 16.32 -12.68 10.72
CA ARG B 13 17.63 -12.47 10.10
C ARG B 13 17.91 -13.52 9.03
N PRO B 14 18.77 -13.20 8.04
CA PRO B 14 19.11 -14.12 6.96
C PRO B 14 19.43 -15.53 7.44
N GLY B 15 18.99 -16.53 6.68
CA GLY B 15 19.26 -17.91 7.03
C GLY B 15 18.35 -18.49 8.11
N ALA B 16 17.54 -17.64 8.74
CA ALA B 16 16.64 -18.09 9.79
C ALA B 16 15.30 -18.56 9.23
N SER B 17 14.38 -18.94 10.11
CA SER B 17 13.06 -19.41 9.69
C SER B 17 11.94 -18.67 10.42
N VAL B 18 10.78 -18.61 9.77
CA VAL B 18 9.61 -17.94 10.34
C VAL B 18 8.38 -18.82 10.15
N LYS B 19 7.37 -18.62 11.01
CA LYS B 19 6.15 -19.40 10.94
C LYS B 19 4.93 -18.56 11.27
N MET B 20 4.09 -18.33 10.27
CA MET B 20 2.88 -17.53 10.44
C MET B 20 1.63 -18.39 10.49
N SER B 21 0.56 -17.85 11.07
CA SER B 21 -0.70 -18.58 11.20
C SER B 21 -1.89 -17.91 10.51
N CYS B 22 -2.90 -18.73 10.20
CA CYS B 22 -4.12 -18.28 9.54
C CYS B 22 -5.28 -18.95 10.29
N LYS B 23 -5.92 -18.20 11.19
CA LYS B 23 -7.02 -18.74 11.97
C LYS B 23 -8.37 -18.52 11.28
N ALA B 24 -9.08 -19.60 11.02
CA ALA B 24 -10.38 -19.53 10.34
C ALA B 24 -11.57 -19.71 11.28
N SER B 25 -12.70 -19.14 10.87
CA SER B 25 -13.94 -19.22 11.63
C SER B 25 -15.11 -18.93 10.70
N GLY B 26 -16.32 -19.34 11.10
CA GLY B 26 -17.49 -19.10 10.29
C GLY B 26 -17.82 -20.17 9.27
N TYR B 27 -17.12 -21.30 9.32
CA TYR B 27 -17.37 -22.41 8.40
C TYR B 27 -16.61 -23.66 8.82
N THR B 28 -16.87 -24.76 8.14
CA THR B 28 -16.19 -26.02 8.45
C THR B 28 -14.77 -25.99 7.90
N PHE B 29 -13.81 -25.69 8.77
CA PHE B 29 -12.40 -25.60 8.42
C PHE B 29 -11.81 -26.79 7.66
N THR B 30 -12.24 -28.00 7.99
CA THR B 30 -11.71 -29.21 7.36
C THR B 30 -12.20 -29.55 5.94
N ASN B 31 -13.23 -28.86 5.47
CA ASN B 31 -13.77 -29.15 4.14
C ASN B 31 -13.25 -28.30 2.98
N TYR B 32 -12.40 -27.31 3.28
CA TYR B 32 -11.90 -26.45 2.21
C TYR B 32 -10.38 -26.33 2.12
N TRP B 33 -9.90 -26.15 0.90
CA TRP B 33 -8.47 -25.98 0.66
C TRP B 33 -8.06 -24.59 1.10
N MET B 34 -6.88 -24.49 1.71
CA MET B 34 -6.36 -23.20 2.16
C MET B 34 -5.18 -22.90 1.24
N HIS B 35 -5.14 -21.68 0.71
CA HIS B 35 -4.07 -21.28 -0.19
C HIS B 35 -3.20 -20.16 0.39
N TRP B 36 -1.95 -20.10 -0.07
CA TRP B 36 -1.02 -19.07 0.39
C TRP B 36 -0.44 -18.30 -0.79
N ILE B 37 -0.49 -16.98 -0.71
CA ILE B 37 -0.01 -16.11 -1.78
C ILE B 37 1.08 -15.17 -1.27
N LYS B 38 2.11 -14.98 -2.08
CA LYS B 38 3.20 -14.08 -1.72
C LYS B 38 3.01 -12.76 -2.46
N GLN B 39 3.25 -11.65 -1.77
CA GLN B 39 3.11 -10.35 -2.39
C GLN B 39 4.32 -9.47 -2.10
N ARG B 40 5.18 -9.33 -3.09
CA ARG B 40 6.39 -8.53 -2.99
C ARG B 40 6.29 -7.38 -3.98
N PRO B 41 6.50 -6.13 -3.50
CA PRO B 41 6.42 -4.95 -4.37
C PRO B 41 7.21 -5.11 -5.66
N GLY B 42 6.55 -4.87 -6.78
CA GLY B 42 7.21 -5.00 -8.06
C GLY B 42 7.31 -6.44 -8.53
N GLN B 43 6.44 -7.30 -7.99
CA GLN B 43 6.43 -8.71 -8.36
C GLN B 43 5.02 -9.28 -8.48
N GLY B 44 4.01 -8.45 -8.26
CA GLY B 44 2.62 -8.92 -8.35
C GLY B 44 2.31 -10.04 -7.38
N LEU B 45 1.25 -10.81 -7.65
CA LEU B 45 0.87 -11.91 -6.78
C LEU B 45 1.51 -13.21 -7.27
N GLU B 46 1.94 -14.04 -6.32
CA GLU B 46 2.62 -15.30 -6.63
C GLU B 46 2.00 -16.45 -5.82
N TRP B 47 1.71 -17.58 -6.46
CA TRP B 47 1.11 -18.74 -5.79
C TRP B 47 2.17 -19.62 -5.13
N ILE B 48 2.02 -19.81 -3.82
CA ILE B 48 2.96 -20.63 -3.06
C ILE B 48 2.57 -22.11 -3.04
N GLY B 49 1.40 -22.39 -2.48
CA GLY B 49 0.93 -23.76 -2.39
C GLY B 49 -0.41 -23.84 -1.68
N THR B 50 -0.88 -25.06 -1.44
CA THR B 50 -2.15 -25.25 -0.76
C THR B 50 -2.18 -26.48 0.13
N ILE B 51 -3.15 -26.52 1.04
CA ILE B 51 -3.29 -27.64 1.97
C ILE B 51 -4.76 -27.92 2.25
N TYR B 52 -5.08 -29.18 2.51
CA TYR B 52 -6.44 -29.59 2.84
C TYR B 52 -6.40 -29.93 4.34
N PRO B 53 -6.88 -29.00 5.19
CA PRO B 53 -6.89 -29.19 6.65
C PRO B 53 -7.42 -30.55 7.13
N GLY B 54 -8.33 -31.13 6.38
CA GLY B 54 -8.91 -32.42 6.74
C GLY B 54 -7.91 -33.55 6.94
N ASN B 55 -6.95 -33.66 6.03
CA ASN B 55 -5.94 -34.70 6.13
C ASN B 55 -4.53 -34.15 5.93
N SER B 56 -4.43 -32.83 5.84
CA SER B 56 -3.16 -32.14 5.65
C SER B 56 -2.47 -32.45 4.33
N ASP B 57 -3.23 -32.84 3.31
CA ASP B 57 -2.65 -33.11 2.00
C ASP B 57 -2.20 -31.78 1.44
N THR B 58 -1.00 -31.76 0.86
CA THR B 58 -0.47 -30.52 0.31
C THR B 58 -0.05 -30.61 -1.14
N THR B 59 0.20 -29.44 -1.72
CA THR B 59 0.64 -29.28 -3.10
C THR B 59 1.39 -27.97 -3.12
N TYR B 60 2.65 -28.00 -3.52
CA TYR B 60 3.46 -26.80 -3.56
C TYR B 60 3.84 -26.39 -4.98
N SER B 61 4.14 -25.11 -5.14
CA SER B 61 4.57 -24.58 -6.43
C SER B 61 6.02 -25.04 -6.56
N GLN B 62 6.41 -25.45 -7.76
CA GLN B 62 7.77 -25.92 -8.00
C GLN B 62 8.81 -24.94 -7.47
N LYS B 63 8.50 -23.66 -7.59
CA LYS B 63 9.40 -22.59 -7.16
C LYS B 63 9.52 -22.50 -5.64
N PHE B 64 8.53 -22.99 -4.91
CA PHE B 64 8.55 -22.91 -3.46
C PHE B 64 8.80 -24.21 -2.71
N LYS B 65 8.99 -25.31 -3.44
CA LYS B 65 9.25 -26.57 -2.76
C LYS B 65 10.64 -26.50 -2.10
N GLY B 66 10.66 -26.65 -0.78
CA GLY B 66 11.92 -26.60 -0.06
C GLY B 66 12.15 -25.23 0.56
N LYS B 67 11.23 -24.32 0.34
CA LYS B 67 11.30 -22.97 0.89
C LYS B 67 10.14 -22.75 1.84
N ALA B 68 8.99 -23.33 1.50
CA ALA B 68 7.79 -23.20 2.32
C ALA B 68 7.33 -24.56 2.82
N LYS B 69 6.70 -24.56 3.99
CA LYS B 69 6.19 -25.78 4.62
C LYS B 69 4.78 -25.51 5.17
N LEU B 70 3.80 -26.25 4.67
CA LEU B 70 2.42 -26.06 5.13
C LEU B 70 2.00 -27.12 6.13
N THR B 71 1.22 -26.70 7.12
CA THR B 71 0.72 -27.60 8.15
C THR B 71 -0.61 -27.09 8.66
N ALA B 72 -1.30 -27.88 9.47
CA ALA B 72 -2.59 -27.47 9.99
C ALA B 72 -3.00 -28.20 11.26
N VAL B 73 -3.80 -27.53 12.07
CA VAL B 73 -4.29 -28.08 13.33
C VAL B 73 -5.80 -27.89 13.31
N THR B 74 -6.54 -28.98 13.11
CA THR B 74 -8.00 -28.93 13.04
C THR B 74 -8.69 -28.67 14.37
N SER B 75 -8.00 -28.91 15.48
CA SER B 75 -8.60 -28.69 16.80
C SER B 75 -8.72 -27.21 17.14
N THR B 76 -8.04 -26.35 16.37
CA THR B 76 -8.09 -24.92 16.62
C THR B 76 -8.40 -24.13 15.34
N SER B 77 -8.69 -24.87 14.26
CA SER B 77 -9.01 -24.26 12.97
C SER B 77 -7.94 -23.26 12.57
N THR B 78 -6.68 -23.66 12.72
CA THR B 78 -5.57 -22.78 12.38
C THR B 78 -4.60 -23.45 11.42
N ALA B 79 -4.26 -22.74 10.35
CA ALA B 79 -3.32 -23.24 9.35
C ALA B 79 -2.03 -22.45 9.49
N TYR B 80 -0.90 -23.10 9.27
CA TYR B 80 0.39 -22.44 9.39
C TYR B 80 1.25 -22.61 8.14
N MET B 81 2.19 -21.69 7.96
CA MET B 81 3.12 -21.75 6.84
C MET B 81 4.48 -21.38 7.40
N GLU B 82 5.50 -22.14 7.02
CA GLU B 82 6.85 -21.90 7.49
C GLU B 82 7.81 -21.60 6.34
N LEU B 83 8.67 -20.62 6.56
CA LEU B 83 9.66 -20.22 5.56
C LEU B 83 11.06 -20.35 6.14
N SER B 84 11.90 -21.13 5.48
CA SER B 84 13.28 -21.34 5.94
C SER B 84 14.34 -20.81 4.98
N SER B 85 15.58 -20.72 5.48
CA SER B 85 16.71 -20.23 4.70
C SER B 85 16.35 -18.88 4.09
N LEU B 86 15.85 -17.98 4.93
CA LEU B 86 15.43 -16.65 4.50
C LEU B 86 16.51 -15.79 3.86
N THR B 87 16.14 -15.17 2.75
CA THR B 87 17.02 -14.28 2.01
C THR B 87 16.25 -12.95 1.90
N ASN B 88 16.86 -11.96 1.28
CA ASN B 88 16.22 -10.66 1.11
C ASN B 88 14.96 -10.77 0.26
N GLU B 89 15.00 -11.61 -0.77
CA GLU B 89 13.87 -11.78 -1.68
C GLU B 89 12.65 -12.40 -0.99
N ASP B 90 12.78 -12.79 0.27
CA ASP B 90 11.66 -13.38 0.99
C ASP B 90 10.84 -12.32 1.71
N SER B 91 11.38 -11.11 1.78
CA SER B 91 10.66 -10.02 2.41
C SER B 91 9.46 -9.71 1.54
N ALA B 92 8.28 -9.73 2.16
CA ALA B 92 7.04 -9.47 1.44
C ALA B 92 5.86 -9.69 2.37
N VAL B 93 4.66 -9.51 1.82
CA VAL B 93 3.43 -9.70 2.58
C VAL B 93 2.84 -11.04 2.13
N TYR B 94 2.45 -11.88 3.09
CA TYR B 94 1.86 -13.17 2.76
C TYR B 94 0.42 -13.28 3.21
N TYR B 95 -0.44 -13.73 2.28
CA TYR B 95 -1.86 -13.88 2.54
C TYR B 95 -2.26 -15.35 2.49
N CYS B 96 -3.39 -15.66 3.12
CA CYS B 96 -3.94 -16.99 3.10
C CYS B 96 -5.36 -16.80 2.58
N SER B 97 -5.92 -17.83 1.94
CA SER B 97 -7.26 -17.71 1.41
C SER B 97 -7.96 -19.06 1.37
N ARG B 98 -9.29 -19.01 1.32
CA ARG B 98 -10.10 -20.21 1.28
C ARG B 98 -10.68 -20.48 -0.10
N ARG B 99 -10.55 -21.71 -0.56
CA ARG B 99 -11.07 -22.10 -1.86
C ARG B 99 -12.51 -22.56 -1.62
N ASN B 100 -13.46 -21.87 -2.24
CA ASN B 100 -14.87 -22.20 -2.09
C ASN B 100 -15.36 -23.11 -3.20
N TYR B 101 -16.54 -23.68 -3.00
CA TYR B 101 -17.18 -24.57 -3.97
C TYR B 101 -18.68 -24.55 -3.70
N GLY B 102 -19.47 -24.75 -4.75
CA GLY B 102 -20.91 -24.73 -4.58
C GLY B 102 -21.44 -23.38 -5.04
N SER B 103 -21.56 -22.44 -4.12
CA SER B 103 -22.05 -21.10 -4.46
C SER B 103 -21.04 -20.38 -5.35
N SER B 104 -19.76 -20.69 -5.16
CA SER B 104 -18.69 -20.07 -5.94
C SER B 104 -17.50 -21.02 -6.07
N TYR B 105 -16.71 -20.84 -7.12
CA TYR B 105 -15.53 -21.67 -7.36
C TYR B 105 -14.26 -20.85 -7.52
N ALA B 106 -13.78 -20.31 -6.40
CA ALA B 106 -12.57 -19.49 -6.40
C ALA B 106 -12.18 -19.14 -4.97
N MET B 107 -11.21 -18.24 -4.83
CA MET B 107 -10.75 -17.81 -3.52
C MET B 107 -11.61 -16.60 -3.13
N ASP B 108 -12.66 -16.87 -2.35
CA ASP B 108 -13.57 -15.80 -1.94
C ASP B 108 -13.21 -15.06 -0.66
N TYR B 109 -12.59 -15.74 0.30
CA TYR B 109 -12.21 -15.09 1.56
C TYR B 109 -10.71 -15.08 1.77
N TRP B 110 -10.18 -13.89 2.03
CA TRP B 110 -8.74 -13.70 2.25
C TRP B 110 -8.46 -13.21 3.66
N GLY B 111 -7.19 -13.33 4.06
CA GLY B 111 -6.77 -12.86 5.37
C GLY B 111 -6.26 -11.45 5.19
N GLN B 112 -5.86 -10.78 6.28
CA GLN B 112 -5.37 -9.41 6.17
C GLN B 112 -3.89 -9.34 5.81
N GLY B 113 -3.25 -10.50 5.65
CA GLY B 113 -1.84 -10.53 5.30
C GLY B 113 -0.88 -10.43 6.46
N THR B 114 0.36 -10.86 6.23
CA THR B 114 1.40 -10.83 7.25
C THR B 114 2.71 -10.33 6.63
N SER B 115 3.26 -9.26 7.18
CA SER B 115 4.50 -8.69 6.67
C SER B 115 5.72 -9.38 7.25
N VAL B 116 6.69 -9.66 6.39
CA VAL B 116 7.91 -10.33 6.79
C VAL B 116 9.13 -9.56 6.30
N THR B 117 10.00 -9.19 7.23
CA THR B 117 11.21 -8.47 6.90
C THR B 117 12.44 -9.31 7.25
N VAL B 118 13.25 -9.61 6.24
CA VAL B 118 14.46 -10.37 6.43
C VAL B 118 15.62 -9.39 6.43
N SER B 119 16.12 -9.07 7.63
CA SER B 119 17.22 -8.13 7.77
C SER B 119 17.89 -8.27 9.13
N SER B 120 19.16 -7.87 9.21
CA SER B 120 19.89 -7.97 10.46
C SER B 120 20.00 -6.61 11.16
N ALA B 121 19.20 -5.64 10.71
CA ALA B 121 19.20 -4.32 11.31
C ALA B 121 18.40 -4.33 12.61
N LYS B 122 18.72 -3.43 13.53
CA LYS B 122 18.03 -3.38 14.81
C LYS B 122 16.67 -2.68 14.75
N THR B 123 15.78 -3.09 15.65
CA THR B 123 14.45 -2.50 15.73
C THR B 123 14.57 -1.15 16.41
N THR B 124 13.83 -0.16 15.94
CA THR B 124 13.87 1.17 16.53
C THR B 124 12.48 1.80 16.51
N PRO B 125 11.99 2.26 17.68
CA PRO B 125 10.67 2.88 17.73
C PRO B 125 10.64 4.17 16.92
N PRO B 126 9.48 4.52 16.35
CA PRO B 126 9.35 5.73 15.54
C PRO B 126 9.39 7.04 16.33
N SER B 127 10.03 8.04 15.73
CA SER B 127 10.10 9.36 16.33
C SER B 127 9.03 10.16 15.61
N VAL B 128 8.03 10.63 16.36
CA VAL B 128 6.92 11.37 15.77
C VAL B 128 6.96 12.86 16.10
N TYR B 129 7.13 13.68 15.07
CA TYR B 129 7.20 15.13 15.23
C TYR B 129 5.99 15.86 14.65
N PRO B 130 5.43 16.81 15.41
CA PRO B 130 4.26 17.59 14.99
C PRO B 130 4.61 18.57 13.89
N LEU B 131 3.65 18.85 13.01
CA LEU B 131 3.85 19.79 11.93
C LEU B 131 2.73 20.82 11.95
N ALA B 132 3.06 22.01 12.45
CA ALA B 132 2.09 23.10 12.52
C ALA B 132 2.54 24.21 11.59
N PRO B 133 1.58 24.90 10.95
CA PRO B 133 1.97 25.98 10.04
C PRO B 133 2.76 27.06 10.77
N GLY B 134 3.81 27.56 10.11
CA GLY B 134 4.64 28.59 10.71
C GLY B 134 3.93 29.94 10.78
N SER B 135 3.82 30.59 9.62
CA SER B 135 3.16 31.89 9.53
C SER B 135 2.93 32.28 8.08
N ASN B 140 -5.67 31.46 5.37
CA ASN B 140 -6.56 30.85 4.34
C ASN B 140 -7.89 30.47 4.99
N SER B 141 -8.68 29.63 4.33
CA SER B 141 -9.97 29.20 4.86
C SER B 141 -9.96 27.73 5.29
N MET B 142 -8.85 27.06 5.00
CA MET B 142 -8.66 25.66 5.35
C MET B 142 -7.19 25.57 5.77
N VAL B 143 -6.91 24.79 6.80
CA VAL B 143 -5.53 24.65 7.26
C VAL B 143 -5.03 23.23 7.08
N THR B 144 -3.75 23.11 6.74
CA THR B 144 -3.14 21.80 6.55
C THR B 144 -2.10 21.55 7.65
N LEU B 145 -2.20 20.40 8.30
CA LEU B 145 -1.29 20.02 9.37
C LEU B 145 -0.61 18.71 9.00
N GLY B 146 0.30 18.24 9.82
CA GLY B 146 0.99 16.99 9.53
C GLY B 146 1.83 16.41 10.64
N CYS B 147 2.34 15.20 10.41
CA CYS B 147 3.18 14.51 11.38
C CYS B 147 4.35 13.83 10.68
N LEU B 148 5.56 14.10 11.15
CA LEU B 148 6.77 13.50 10.57
C LEU B 148 7.17 12.29 11.41
N VAL B 149 7.12 11.11 10.81
CA VAL B 149 7.48 9.88 11.51
C VAL B 149 8.83 9.38 11.00
N LYS B 150 9.87 9.57 11.81
CA LYS B 150 11.22 9.18 11.40
C LYS B 150 11.96 8.15 12.26
N GLY B 151 12.99 7.57 11.66
CA GLY B 151 13.86 6.60 12.33
C GLY B 151 13.32 5.31 12.91
N TYR B 152 12.44 4.62 12.19
CA TYR B 152 11.90 3.36 12.71
C TYR B 152 12.28 2.16 11.86
N PHE B 153 12.22 0.98 12.46
CA PHE B 153 12.55 -0.26 11.78
C PHE B 153 12.10 -1.44 12.63
N PRO B 154 11.43 -2.43 12.03
CA PRO B 154 11.12 -2.43 10.59
C PRO B 154 9.75 -1.79 10.36
N GLU B 155 9.26 -1.91 9.13
CA GLU B 155 7.94 -1.37 8.81
C GLU B 155 7.00 -2.53 9.12
N PRO B 156 5.68 -2.29 9.12
CA PRO B 156 4.96 -1.05 8.86
C PRO B 156 4.60 -0.20 10.08
N VAL B 157 3.96 0.92 9.80
CA VAL B 157 3.50 1.87 10.80
C VAL B 157 2.12 2.33 10.34
N THR B 158 1.17 2.43 11.26
CA THR B 158 -0.18 2.86 10.93
C THR B 158 -0.46 4.23 11.52
N VAL B 159 -1.21 5.05 10.78
CA VAL B 159 -1.52 6.40 11.23
C VAL B 159 -3.01 6.74 11.16
N THR B 160 -3.47 7.49 12.16
CA THR B 160 -4.86 7.94 12.24
C THR B 160 -4.88 9.30 12.91
N TRP B 161 -5.96 10.05 12.71
CA TRP B 161 -6.10 11.37 13.31
C TRP B 161 -7.32 11.35 14.21
N ASN B 162 -7.19 11.95 15.40
CA ASN B 162 -8.28 11.97 16.36
C ASN B 162 -8.84 10.55 16.48
N SER B 163 -7.92 9.59 16.59
CA SER B 163 -8.24 8.18 16.74
C SER B 163 -9.11 7.61 15.62
N GLY B 164 -9.26 8.35 14.53
CA GLY B 164 -10.06 7.86 13.42
C GLY B 164 -11.31 8.68 13.18
N SER B 165 -11.75 9.42 14.18
CA SER B 165 -12.95 10.25 14.04
C SER B 165 -12.74 11.26 12.92
N LEU B 166 -11.47 11.45 12.55
CA LEU B 166 -11.10 12.39 11.49
C LEU B 166 -10.48 11.58 10.34
N SER B 167 -11.23 11.41 9.25
CA SER B 167 -10.75 10.64 8.11
C SER B 167 -10.68 11.41 6.78
N SER B 168 -11.41 12.52 6.68
CA SER B 168 -11.43 13.31 5.45
C SER B 168 -10.18 14.17 5.29
N GLY B 169 -9.83 14.46 4.04
CA GLY B 169 -8.66 15.28 3.75
C GLY B 169 -7.35 14.81 4.31
N VAL B 170 -7.14 13.49 4.34
CA VAL B 170 -5.91 12.93 4.86
C VAL B 170 -5.02 12.35 3.76
N HIS B 171 -3.71 12.54 3.91
CA HIS B 171 -2.73 12.04 2.96
C HIS B 171 -1.58 11.40 3.71
N THR B 172 -1.54 10.07 3.71
CA THR B 172 -0.47 9.34 4.38
C THR B 172 0.44 8.79 3.29
N PHE B 173 1.71 9.17 3.34
CA PHE B 173 2.66 8.74 2.33
C PHE B 173 3.47 7.49 2.66
N PRO B 174 3.84 6.72 1.62
CA PRO B 174 4.62 5.49 1.70
C PRO B 174 5.94 5.68 2.45
N ALA B 175 6.36 4.65 3.17
CA ALA B 175 7.60 4.71 3.92
C ALA B 175 8.79 4.46 3.01
N VAL B 176 9.83 5.30 3.15
CA VAL B 176 11.03 5.19 2.34
C VAL B 176 12.20 4.74 3.22
N LEU B 177 12.90 3.69 2.78
CA LEU B 177 14.05 3.18 3.51
C LEU B 177 15.31 3.95 3.12
N GLN B 178 16.07 4.37 4.12
CA GLN B 178 17.28 5.14 3.90
C GLN B 178 18.34 4.73 4.92
N SER B 179 19.14 3.74 4.58
CA SER B 179 20.19 3.26 5.48
C SER B 179 19.62 2.71 6.80
N ASP B 180 18.93 1.58 6.71
CA ASP B 180 18.34 0.93 7.89
C ASP B 180 17.37 1.76 8.72
N LEU B 181 16.79 2.80 8.14
CA LEU B 181 15.83 3.63 8.86
C LEU B 181 14.74 4.21 7.97
N TYR B 182 13.49 3.85 8.28
CA TYR B 182 12.33 4.31 7.53
C TYR B 182 11.86 5.71 7.87
N THR B 183 11.08 6.29 6.96
CA THR B 183 10.56 7.64 7.14
C THR B 183 9.27 7.81 6.35
N LEU B 184 8.24 8.36 7.00
CA LEU B 184 6.98 8.62 6.33
C LEU B 184 6.33 9.85 6.91
N SER B 185 5.32 10.37 6.21
CA SER B 185 4.62 11.56 6.66
C SER B 185 3.13 11.42 6.41
N SER B 186 2.36 12.34 6.99
CA SER B 186 0.91 12.32 6.84
C SER B 186 0.34 13.72 7.05
N SER B 187 -0.43 14.17 6.07
CA SER B 187 -1.04 15.49 6.16
C SER B 187 -2.54 15.34 6.34
N VAL B 188 -3.17 16.37 6.88
CA VAL B 188 -4.61 16.38 7.10
C VAL B 188 -5.12 17.80 6.92
N THR B 189 -6.16 17.96 6.10
CA THR B 189 -6.72 19.28 5.84
C THR B 189 -8.08 19.45 6.49
N VAL B 190 -8.22 20.52 7.27
CA VAL B 190 -9.46 20.80 7.98
C VAL B 190 -9.84 22.28 7.92
N PRO B 191 -11.11 22.61 8.18
CA PRO B 191 -11.60 23.99 8.17
C PRO B 191 -10.90 24.84 9.23
N SER B 192 -10.54 26.07 8.87
CA SER B 192 -9.86 26.98 9.78
C SER B 192 -10.70 27.24 11.03
N SER B 193 -12.00 27.05 10.91
CA SER B 193 -12.92 27.28 12.03
C SER B 193 -12.87 26.17 13.07
N THR B 194 -12.12 25.11 12.79
CA THR B 194 -12.02 23.99 13.72
C THR B 194 -10.64 23.84 14.36
N TRP B 195 -9.67 24.62 13.89
CA TRP B 195 -8.32 24.56 14.44
C TRP B 195 -7.72 25.97 14.53
N PRO B 196 -7.12 26.30 15.68
CA PRO B 196 -6.96 25.45 16.87
C PRO B 196 -8.13 25.55 17.85
N SER B 197 -9.31 25.90 17.34
CA SER B 197 -10.49 26.01 18.19
C SER B 197 -10.77 24.64 18.80
N GLU B 198 -10.41 23.61 18.06
CA GLU B 198 -10.59 22.23 18.48
C GLU B 198 -9.25 21.50 18.39
N THR B 199 -9.17 20.32 18.97
CA THR B 199 -7.93 19.55 18.96
C THR B 199 -7.75 18.61 17.77
N VAL B 200 -6.50 18.44 17.37
CA VAL B 200 -6.14 17.56 16.26
C VAL B 200 -4.91 16.76 16.71
N THR B 201 -5.03 15.44 16.72
CA THR B 201 -3.92 14.59 17.15
C THR B 201 -3.66 13.46 16.17
N CYS B 202 -2.39 13.22 15.85
CA CYS B 202 -2.07 12.13 14.95
C CYS B 202 -1.64 10.95 15.81
N ASN B 203 -2.21 9.78 15.53
CA ASN B 203 -1.90 8.58 16.28
C ASN B 203 -1.01 7.67 15.43
N VAL B 204 0.17 7.33 15.95
CA VAL B 204 1.10 6.48 15.23
C VAL B 204 1.33 5.17 15.99
N ALA B 205 1.09 4.06 15.31
CA ALA B 205 1.27 2.74 15.92
C ALA B 205 2.37 1.95 15.22
N HIS B 206 3.28 1.41 16.01
CA HIS B 206 4.38 0.60 15.48
C HIS B 206 4.39 -0.77 16.16
N PRO B 207 3.52 -1.68 15.71
CA PRO B 207 3.42 -3.03 16.28
C PRO B 207 4.76 -3.75 16.42
N ALA B 208 5.62 -3.62 15.41
CA ALA B 208 6.92 -4.27 15.41
C ALA B 208 7.75 -4.04 16.68
N SER B 209 7.48 -2.95 17.39
CA SER B 209 8.22 -2.65 18.61
C SER B 209 7.28 -2.50 19.81
N SER B 210 6.01 -2.84 19.59
CA SER B 210 5.00 -2.75 20.63
C SER B 210 4.93 -1.39 21.32
N THR B 211 4.79 -0.35 20.51
CA THR B 211 4.70 1.01 21.03
C THR B 211 3.62 1.79 20.29
N LYS B 212 3.23 2.90 20.90
CA LYS B 212 2.22 3.79 20.34
C LYS B 212 2.64 5.21 20.69
N VAL B 213 2.45 6.13 19.77
CA VAL B 213 2.82 7.51 20.00
C VAL B 213 1.71 8.44 19.51
N ASP B 214 1.35 9.40 20.36
CA ASP B 214 0.34 10.37 20.01
C ASP B 214 1.00 11.75 20.03
N LYS B 215 0.56 12.63 19.14
CA LYS B 215 1.11 13.96 19.07
C LYS B 215 0.04 14.98 18.75
N LYS B 216 -0.16 15.91 19.68
CA LYS B 216 -1.15 16.97 19.53
C LYS B 216 -0.49 18.10 18.77
N ILE B 217 -1.16 18.58 17.72
CA ILE B 217 -0.62 19.68 16.92
C ILE B 217 -1.14 21.00 17.49
N VAL B 218 -0.23 21.81 18.02
CA VAL B 218 -0.61 23.10 18.60
C VAL B 218 0.08 24.25 17.88
N PRO B 219 -0.60 25.41 17.81
CA PRO B 219 -0.02 26.60 17.15
C PRO B 219 1.39 26.90 17.63
N ARG B 220 2.25 27.29 16.69
CA ARG B 220 3.65 27.59 16.97
C ARG B 220 3.93 28.93 17.64
N ASP B 221 5.19 29.38 17.49
CA ASP B 221 5.68 30.64 18.05
C ASP B 221 6.03 30.52 19.52
#